data_5IXK
#
_entry.id   5IXK
#
_cell.length_a   125.939
_cell.length_b   56.167
_cell.length_c   78.752
_cell.angle_alpha   90.000
_cell.angle_beta   124.770
_cell.angle_gamma   90.000
#
_symmetry.space_group_name_H-M   'C 1 2 1'
#
loop_
_entity.id
_entity.type
_entity.pdbx_description
1 polymer 'Nuclear receptor ROR-gamma'
2 non-polymer N-(5-ethyl-3,3-dimethyl-4-oxo-2,3,4,5-tetrahydro-1,5-benzoxazepin-8-yl)-3,4-dimethyl-N-(2,2,2-trifluoroethyl)benzene-1-sulfonamide
3 water water
#
_entity_poly.entity_id   1
_entity_poly.type   'polypeptide(L)'
_entity_poly.pdbx_seq_one_letter_code
;GPTPEAPYTEIEHLVQSVCKSYRETCQLRLEDLLRQRSNIFSREEVTGYQRKSMWEMWERCAHHLTEAIQYVVEFAKRLS
GFMELCQNDQIVLLKAGAMEVVLVRMCRAYNADNRTVFFEGKYGGMELFRALGCSELISSIFDFSHSLSALHFSEDEIAL
YTALVLINAHRPGLQEKRKVEQLQYNLELAFHHHLCKTHRQSILAKLPPKGKLRSLCSQHVERLQIFQ
;
_entity_poly.pdbx_strand_id   A,B
#
# COMPACT_ATOMS: atom_id res chain seq x y z
N GLU A 10 25.30 -9.61 8.60
CA GLU A 10 24.65 -8.43 7.96
C GLU A 10 23.27 -8.82 7.63
N ILE A 11 22.38 -8.40 8.51
CA ILE A 11 20.95 -8.61 8.47
C ILE A 11 20.42 -7.88 7.28
N GLU A 12 20.97 -6.72 7.05
CA GLU A 12 20.56 -5.95 5.86
C GLU A 12 20.83 -6.69 4.56
N HIS A 13 21.90 -7.49 4.49
CA HIS A 13 22.10 -8.32 3.34
C HIS A 13 20.96 -9.36 3.23
N LEU A 14 20.64 -10.03 4.34
CA LEU A 14 19.51 -10.97 4.38
C LEU A 14 18.21 -10.38 3.82
N VAL A 15 17.88 -9.15 4.22
CA VAL A 15 16.73 -8.40 3.68
C VAL A 15 16.85 -8.26 2.19
N GLN A 16 17.99 -7.75 1.76
CA GLN A 16 18.20 -7.42 0.37
C GLN A 16 18.06 -8.65 -0.51
N SER A 17 18.50 -9.78 0.01
CA SER A 17 18.37 -11.00 -0.78
C SER A 17 16.94 -11.48 -0.80
N VAL A 18 16.33 -11.55 0.39
CA VAL A 18 14.92 -11.93 0.43
C VAL A 18 14.18 -11.08 -0.63
N CYS A 19 14.30 -9.77 -0.54
CA CYS A 19 13.60 -8.86 -1.46
C CYS A 19 13.94 -9.08 -2.93
N LYS A 20 15.19 -9.33 -3.20
CA LYS A 20 15.63 -9.51 -4.60
C LYS A 20 15.07 -10.80 -5.17
N SER A 21 15.15 -11.89 -4.41
CA SER A 21 14.70 -13.15 -4.92
C SER A 21 13.21 -13.10 -5.17
N TYR A 22 12.46 -12.53 -4.22
CA TYR A 22 11.00 -12.38 -4.33
C TYR A 22 10.67 -11.63 -5.68
N ARG A 23 11.29 -10.48 -5.91
CA ARG A 23 11.23 -9.74 -7.19
C ARG A 23 11.50 -10.67 -8.41
N GLU A 24 12.55 -11.46 -8.31
CA GLU A 24 12.93 -12.40 -9.34
C GLU A 24 12.03 -13.62 -9.45
N THR A 25 11.38 -14.03 -8.35
CA THR A 25 10.51 -15.19 -8.39
C THR A 25 9.04 -14.86 -8.23
N CYS A 26 8.59 -13.65 -8.43
CA CYS A 26 7.18 -13.44 -8.20
C CYS A 26 6.18 -14.00 -9.14
N GLN A 27 6.62 -14.48 -10.29
CA GLN A 27 5.77 -15.07 -11.34
C GLN A 27 4.76 -14.29 -12.11
N LEU A 28 4.45 -13.09 -11.63
CA LEU A 28 3.51 -12.18 -12.25
C LEU A 28 3.89 -10.88 -11.60
N ARG A 29 4.22 -9.90 -12.40
CA ARG A 29 4.64 -8.64 -11.90
C ARG A 29 3.45 -7.85 -11.40
N LEU A 30 3.70 -7.07 -10.34
CA LEU A 30 2.66 -6.25 -9.73
C LEU A 30 2.01 -5.26 -10.66
N GLU A 31 2.78 -4.64 -11.56
CA GLU A 31 2.25 -3.61 -12.43
C GLU A 31 1.30 -4.16 -13.50
N ASP A 32 1.53 -5.39 -13.95
CA ASP A 32 0.60 -6.06 -14.87
C ASP A 32 -0.66 -6.54 -14.19
N LEU A 33 -0.58 -7.01 -12.93
CA LEU A 33 -1.80 -7.36 -12.17
C LEU A 33 -2.73 -6.15 -12.01
N LEU A 34 -2.14 -5.00 -11.75
CA LEU A 34 -2.93 -3.79 -11.53
C LEU A 34 -3.44 -3.23 -12.85
N ARG A 35 -2.59 -3.23 -13.92
CA ARG A 35 -3.02 -2.77 -15.25
C ARG A 35 -4.18 -3.64 -15.74
N GLN A 36 -4.17 -4.92 -15.37
CA GLN A 36 -5.20 -5.85 -15.84
C GLN A 36 -6.46 -5.92 -15.00
N ARG A 37 -6.56 -5.04 -14.02
CA ARG A 37 -7.78 -4.98 -13.20
C ARG A 37 -9.02 -4.56 -13.97
N SER A 38 -8.81 -4.02 -15.15
CA SER A 38 -9.89 -3.62 -16.00
C SER A 38 -10.46 -4.74 -16.87
N ASN A 39 -9.62 -5.69 -17.30
CA ASN A 39 -10.08 -6.82 -18.09
C ASN A 39 -10.83 -7.80 -17.20
N ILE A 40 -12.12 -7.76 -17.27
CA ILE A 40 -12.96 -8.58 -16.44
C ILE A 40 -13.66 -9.59 -17.33
N PHE A 41 -13.77 -10.85 -16.87
CA PHE A 41 -14.42 -11.92 -17.60
C PHE A 41 -15.86 -11.53 -17.82
N SER A 42 -16.37 -11.79 -19.03
CA SER A 42 -17.76 -11.59 -19.33
C SER A 42 -18.54 -12.78 -18.87
N ARG A 43 -19.84 -12.57 -18.75
CA ARG A 43 -20.80 -13.59 -18.41
C ARG A 43 -20.68 -14.87 -19.24
N GLU A 44 -20.37 -14.73 -20.53
CA GLU A 44 -20.17 -15.90 -21.37
C GLU A 44 -18.87 -16.65 -21.03
N GLU A 45 -17.83 -15.96 -20.59
CA GLU A 45 -16.62 -16.66 -20.18
C GLU A 45 -16.88 -17.41 -18.86
N VAL A 46 -17.59 -16.76 -17.95
CA VAL A 46 -18.00 -17.35 -16.75
C VAL A 46 -18.72 -18.65 -17.01
N THR A 47 -19.86 -18.58 -17.66
CA THR A 47 -20.62 -19.75 -18.05
C THR A 47 -19.65 -20.78 -18.55
N GLY A 48 -18.77 -20.33 -19.44
CA GLY A 48 -17.81 -21.17 -20.10
C GLY A 48 -17.00 -22.03 -19.15
N TYR A 49 -16.61 -21.46 -18.04
CA TYR A 49 -15.87 -22.21 -16.97
C TYR A 49 -16.80 -23.07 -16.11
N GLN A 50 -18.04 -22.59 -15.94
CA GLN A 50 -19.05 -23.28 -15.15
C GLN A 50 -19.59 -24.56 -15.75
N ARG A 51 -19.32 -24.76 -17.02
CA ARG A 51 -19.86 -25.86 -17.75
C ARG A 51 -18.83 -26.88 -17.91
N LYS A 52 -17.59 -26.56 -17.59
CA LYS A 52 -16.58 -27.60 -17.48
C LYS A 52 -16.99 -28.62 -16.36
N SER A 53 -16.54 -29.85 -16.51
CA SER A 53 -16.60 -30.95 -15.58
C SER A 53 -15.69 -30.67 -14.37
N MET A 54 -16.05 -31.29 -13.29
CA MET A 54 -15.27 -31.13 -12.02
C MET A 54 -13.87 -31.65 -12.15
N TRP A 55 -13.71 -32.74 -12.95
CA TRP A 55 -12.36 -33.18 -13.36
C TRP A 55 -11.49 -32.15 -14.11
N GLU A 56 -12.07 -31.54 -15.12
CA GLU A 56 -11.33 -30.64 -15.95
C GLU A 56 -10.88 -29.45 -15.20
N MET A 57 -11.73 -29.02 -14.27
CA MET A 57 -11.50 -27.72 -13.65
C MET A 57 -10.34 -27.87 -12.67
N TRP A 58 -10.35 -28.98 -11.92
CA TRP A 58 -9.22 -29.36 -11.02
C TRP A 58 -7.94 -29.67 -11.72
N GLU A 59 -8.02 -30.37 -12.87
CA GLU A 59 -6.83 -30.57 -13.78
C GLU A 59 -6.21 -29.19 -14.02
N ARG A 60 -7.08 -28.28 -14.42
CA ARG A 60 -6.65 -26.96 -14.77
C ARG A 60 -5.97 -26.19 -13.67
N CYS A 61 -6.66 -26.04 -12.54
CA CYS A 61 -6.13 -25.30 -11.41
C CYS A 61 -4.94 -26.06 -10.78
N ALA A 62 -4.98 -27.39 -10.75
CA ALA A 62 -3.81 -28.13 -10.36
C ALA A 62 -2.52 -27.80 -11.17
N HIS A 63 -2.68 -27.50 -12.44
CA HIS A 63 -1.51 -27.20 -13.22
C HIS A 63 -0.92 -25.90 -12.69
N HIS A 64 -1.78 -24.90 -12.58
CA HIS A 64 -1.38 -23.56 -12.18
C HIS A 64 -0.69 -23.60 -10.82
N LEU A 65 -1.33 -24.26 -9.86
CA LEU A 65 -0.77 -24.46 -8.51
C LEU A 65 0.58 -25.17 -8.56
N THR A 66 0.71 -26.14 -9.47
CA THR A 66 2.06 -26.74 -9.66
C THR A 66 3.12 -25.76 -10.17
N GLU A 67 2.75 -24.98 -11.20
CA GLU A 67 3.60 -23.89 -11.67
C GLU A 67 3.97 -22.92 -10.53
N ALA A 68 2.99 -22.45 -9.77
CA ALA A 68 3.23 -21.44 -8.73
C ALA A 68 4.15 -21.99 -7.67
N ILE A 69 3.91 -23.21 -7.26
CA ILE A 69 4.85 -23.93 -6.43
C ILE A 69 6.31 -23.99 -6.88
N GLN A 70 6.53 -24.14 -8.17
CA GLN A 70 7.90 -24.11 -8.72
C GLN A 70 8.55 -22.76 -8.50
N TYR A 71 7.77 -21.70 -8.54
CA TYR A 71 8.34 -20.41 -8.29
C TYR A 71 8.76 -20.25 -6.87
N VAL A 72 7.94 -20.72 -5.93
CA VAL A 72 8.29 -20.62 -4.49
C VAL A 72 9.57 -21.42 -4.23
N VAL A 73 9.68 -22.60 -4.82
CA VAL A 73 10.89 -23.39 -4.73
C VAL A 73 12.12 -22.54 -5.08
N GLU A 74 12.07 -21.80 -6.21
CA GLU A 74 13.16 -20.94 -6.63
C GLU A 74 13.37 -19.74 -5.75
N PHE A 75 12.31 -19.29 -5.08
CA PHE A 75 12.37 -18.22 -4.10
C PHE A 75 13.30 -18.79 -3.00
N ALA A 76 13.07 -20.00 -2.54
CA ALA A 76 13.93 -20.50 -1.43
C ALA A 76 15.33 -20.81 -1.97
N LYS A 77 15.39 -21.44 -3.13
CA LYS A 77 16.70 -21.71 -3.84
C LYS A 77 17.64 -20.49 -3.90
N ARG A 78 17.09 -19.29 -3.92
CA ARG A 78 17.86 -18.02 -3.94
C ARG A 78 17.96 -17.36 -2.57
N LEU A 79 17.24 -17.92 -1.61
CA LEU A 79 17.24 -17.42 -0.26
C LEU A 79 18.56 -17.70 0.41
N SER A 80 19.24 -16.64 0.76
CA SER A 80 20.55 -16.70 1.35
C SER A 80 20.46 -17.47 2.68
N GLY A 81 21.04 -18.65 2.73
CA GLY A 81 20.97 -19.44 3.95
C GLY A 81 20.04 -20.60 3.81
N PHE A 82 19.23 -20.64 2.74
CA PHE A 82 18.40 -21.81 2.52
C PHE A 82 19.21 -22.98 2.01
N MET A 83 20.07 -22.70 1.03
CA MET A 83 20.87 -23.74 0.42
C MET A 83 21.97 -24.28 1.34
N GLU A 84 22.33 -23.51 2.35
CA GLU A 84 23.16 -23.98 3.46
CA GLU A 84 23.20 -24.02 3.40
C GLU A 84 22.53 -25.20 4.08
N LEU A 85 21.23 -25.11 4.33
CA LEU A 85 20.44 -26.18 5.03
C LEU A 85 20.60 -27.59 4.46
N CYS A 86 20.39 -28.63 5.30
CA CYS A 86 20.55 -30.01 4.81
C CYS A 86 19.37 -30.40 3.98
N GLN A 87 19.64 -31.07 2.87
CA GLN A 87 18.67 -31.56 1.90
C GLN A 87 17.34 -32.01 2.45
N ASN A 88 17.40 -32.74 3.54
CA ASN A 88 16.18 -33.14 4.22
C ASN A 88 15.31 -32.01 4.67
N ASP A 89 15.96 -30.99 5.23
CA ASP A 89 15.23 -29.90 5.85
C ASP A 89 14.65 -28.96 4.80
N GLN A 90 15.41 -28.72 3.75
CA GLN A 90 14.93 -28.08 2.54
C GLN A 90 13.57 -28.62 2.08
N ILE A 91 13.47 -29.95 2.03
CA ILE A 91 12.30 -30.68 1.53
C ILE A 91 11.16 -30.52 2.47
N VAL A 92 11.41 -30.79 3.78
CA VAL A 92 10.37 -30.57 4.83
C VAL A 92 9.75 -29.13 4.79
N LEU A 93 10.61 -28.12 4.84
CA LEU A 93 10.11 -26.79 4.84
C LEU A 93 9.29 -26.50 3.54
N LEU A 94 9.84 -26.76 2.35
CA LEU A 94 9.06 -26.54 1.13
C LEU A 94 7.77 -27.37 1.13
N LYS A 95 7.82 -28.65 1.49
CA LYS A 95 6.59 -29.46 1.53
C LYS A 95 5.54 -28.80 2.41
N ALA A 96 5.92 -28.40 3.62
CA ALA A 96 4.89 -27.90 4.52
C ALA A 96 4.47 -26.44 4.25
N GLY A 97 5.31 -25.65 3.62
CA GLY A 97 5.10 -24.20 3.45
C GLY A 97 4.84 -23.73 2.01
N ALA A 98 5.22 -24.46 1.01
CA ALA A 98 5.19 -23.90 -0.41
C ALA A 98 3.81 -23.40 -0.77
N MET A 99 2.81 -24.22 -0.49
CA MET A 99 1.43 -23.91 -0.71
C MET A 99 0.91 -22.82 0.10
N GLU A 100 1.39 -22.68 1.32
CA GLU A 100 0.99 -21.57 2.15
C GLU A 100 1.47 -20.26 1.57
N VAL A 101 2.67 -20.28 1.04
CA VAL A 101 3.26 -19.08 0.37
C VAL A 101 2.53 -18.69 -0.94
N VAL A 102 2.05 -19.68 -1.61
CA VAL A 102 1.31 -19.44 -2.83
C VAL A 102 0.06 -18.65 -2.48
N LEU A 103 -0.58 -19.08 -1.42
CA LEU A 103 -1.81 -18.48 -1.02
C LEU A 103 -1.55 -17.09 -0.56
N VAL A 104 -0.49 -16.83 0.15
CA VAL A 104 -0.21 -15.44 0.58
C VAL A 104 0.12 -14.58 -0.67
N ARG A 105 1.00 -15.05 -1.54
CA ARG A 105 1.28 -14.39 -2.92
C ARG A 105 0.03 -14.12 -3.73
N MET A 106 -0.99 -14.94 -3.65
CA MET A 106 -2.27 -14.66 -4.23
C MET A 106 -2.93 -13.33 -3.88
N CYS A 107 -2.57 -12.72 -2.77
CA CYS A 107 -3.32 -11.52 -2.43
C CYS A 107 -2.95 -10.30 -3.27
N ARG A 108 -1.80 -10.30 -3.82
CA ARG A 108 -1.47 -9.40 -4.92
C ARG A 108 -2.43 -9.35 -6.13
N ALA A 109 -2.96 -10.49 -6.49
CA ALA A 109 -3.80 -10.73 -7.67
C ALA A 109 -5.24 -10.73 -7.34
N TYR A 110 -5.52 -10.20 -6.13
CA TYR A 110 -6.86 -10.07 -5.67
C TYR A 110 -7.19 -8.61 -5.71
N ASN A 111 -8.40 -8.22 -6.05
CA ASN A 111 -8.85 -6.83 -6.05
C ASN A 111 -10.02 -6.73 -5.12
N ALA A 112 -9.90 -5.90 -4.12
CA ALA A 112 -10.89 -5.84 -3.01
C ALA A 112 -11.98 -4.88 -3.35
N ASP A 113 -11.73 -4.08 -4.41
CA ASP A 113 -12.71 -3.09 -4.88
C ASP A 113 -13.93 -3.76 -5.42
N ASN A 114 -13.77 -4.94 -5.98
CA ASN A 114 -14.92 -5.71 -6.49
C ASN A 114 -14.80 -7.20 -6.32
N ARG A 115 -13.84 -7.66 -5.53
CA ARG A 115 -13.82 -9.08 -5.02
C ARG A 115 -13.60 -9.98 -6.20
N THR A 116 -12.55 -9.65 -6.99
CA THR A 116 -12.16 -10.53 -8.02
C THR A 116 -10.74 -10.92 -7.88
N VAL A 117 -10.44 -12.05 -8.51
CA VAL A 117 -9.10 -12.54 -8.64
C VAL A 117 -8.63 -12.67 -10.13
N PHE A 118 -7.32 -12.63 -10.33
CA PHE A 118 -6.71 -12.81 -11.65
C PHE A 118 -6.58 -14.29 -11.92
N PHE A 119 -7.21 -14.75 -13.00
CA PHE A 119 -7.21 -16.16 -13.34
C PHE A 119 -7.21 -16.24 -14.91
N GLU A 120 -6.15 -16.83 -15.45
CA GLU A 120 -5.97 -17.09 -16.84
C GLU A 120 -6.16 -15.89 -17.79
N GLY A 121 -5.61 -14.74 -17.43
CA GLY A 121 -5.51 -13.62 -18.31
C GLY A 121 -6.41 -12.52 -17.88
N LYS A 122 -7.43 -12.83 -17.06
CA LYS A 122 -8.39 -11.80 -16.67
C LYS A 122 -8.93 -12.02 -15.26
N TYR A 123 -9.72 -11.08 -14.82
CA TYR A 123 -10.22 -11.02 -13.49
C TYR A 123 -11.64 -11.49 -13.47
N GLY A 124 -12.01 -12.24 -12.40
CA GLY A 124 -13.41 -12.61 -12.08
C GLY A 124 -13.69 -13.00 -10.58
N GLY A 125 -14.98 -13.17 -10.25
CA GLY A 125 -15.42 -13.54 -8.92
C GLY A 125 -15.45 -15.03 -8.63
N MET A 126 -15.87 -15.40 -7.44
CA MET A 126 -15.88 -16.80 -7.07
C MET A 126 -16.75 -17.64 -7.95
N GLU A 127 -17.77 -17.06 -8.57
CA GLU A 127 -18.63 -17.77 -9.54
C GLU A 127 -17.81 -18.52 -10.61
N LEU A 128 -16.69 -17.98 -10.95
CA LEU A 128 -15.79 -18.62 -11.90
C LEU A 128 -15.48 -20.07 -11.55
N PHE A 129 -15.39 -20.37 -10.23
CA PHE A 129 -14.85 -21.66 -9.84
C PHE A 129 -15.86 -22.67 -9.47
N ARG A 130 -17.13 -22.42 -9.72
CA ARG A 130 -18.20 -23.36 -9.44
C ARG A 130 -17.93 -24.80 -9.83
N ALA A 131 -17.13 -25.08 -10.85
CA ALA A 131 -17.02 -26.47 -11.37
C ALA A 131 -16.05 -27.26 -10.49
N LEU A 132 -15.22 -26.59 -9.72
CA LEU A 132 -14.46 -27.27 -8.63
C LEU A 132 -15.35 -27.96 -7.53
N GLY A 133 -16.60 -27.53 -7.37
CA GLY A 133 -17.51 -28.07 -6.28
C GLY A 133 -16.96 -28.06 -4.83
N CYS A 134 -16.41 -26.95 -4.36
CA CYS A 134 -16.02 -26.75 -2.94
C CYS A 134 -16.23 -25.26 -2.73
N SER A 135 -17.48 -24.81 -2.92
CA SER A 135 -17.75 -23.37 -2.96
C SER A 135 -17.33 -22.78 -1.58
N GLU A 136 -17.45 -23.58 -0.48
CA GLU A 136 -17.07 -23.13 0.89
C GLU A 136 -15.61 -22.78 0.93
N LEU A 137 -14.77 -23.73 0.54
CA LEU A 137 -13.37 -23.48 0.38
C LEU A 137 -13.03 -22.22 -0.51
N ILE A 138 -13.76 -22.01 -1.62
CA ILE A 138 -13.47 -20.81 -2.49
C ILE A 138 -13.81 -19.52 -1.75
N SER A 139 -14.97 -19.51 -1.15
CA SER A 139 -15.39 -18.39 -0.32
C SER A 139 -14.35 -18.09 0.76
N SER A 140 -13.82 -19.11 1.39
CA SER A 140 -12.72 -18.94 2.31
C SER A 140 -11.47 -18.42 1.73
N ILE A 141 -11.09 -18.94 0.58
CA ILE A 141 -9.87 -18.37 -0.11
C ILE A 141 -10.16 -16.95 -0.51
N PHE A 142 -11.36 -16.61 -0.86
CA PHE A 142 -11.63 -15.20 -1.14
C PHE A 142 -11.55 -14.30 0.06
N ASP A 143 -12.21 -14.76 1.14
CA ASP A 143 -12.10 -14.04 2.45
C ASP A 143 -10.70 -13.74 2.88
N PHE A 144 -9.84 -14.72 2.76
CA PHE A 144 -8.49 -14.66 3.34
C PHE A 144 -7.66 -13.71 2.50
N SER A 145 -7.74 -13.85 1.18
CA SER A 145 -7.09 -12.88 0.35
C SER A 145 -7.57 -11.46 0.66
N HIS A 146 -8.88 -11.29 0.77
CA HIS A 146 -9.46 -10.02 1.08
C HIS A 146 -8.83 -9.38 2.31
N SER A 147 -8.71 -10.12 3.43
CA SER A 147 -8.17 -9.51 4.64
C SER A 147 -6.69 -9.38 4.55
N LEU A 148 -6.05 -10.26 3.83
CA LEU A 148 -4.66 -9.98 3.48
C LEU A 148 -4.47 -8.73 2.55
N SER A 149 -5.27 -8.54 1.51
CA SER A 149 -5.06 -7.35 0.67
C SER A 149 -5.26 -6.08 1.53
N ALA A 150 -5.99 -6.23 2.68
CA ALA A 150 -6.24 -5.09 3.52
C ALA A 150 -5.04 -4.57 4.24
N LEU A 151 -3.94 -5.29 4.19
CA LEU A 151 -2.69 -4.76 4.74
C LEU A 151 -1.86 -3.86 3.85
N HIS A 152 -2.23 -3.79 2.55
CA HIS A 152 -1.53 -2.99 1.58
C HIS A 152 -0.08 -3.26 1.77
N PHE A 153 0.36 -4.47 1.64
CA PHE A 153 1.73 -4.74 1.82
C PHE A 153 2.55 -4.18 0.68
N SER A 154 3.73 -3.69 0.94
CA SER A 154 4.69 -3.40 -0.12
C SER A 154 5.23 -4.75 -0.53
N GLU A 155 5.85 -4.75 -1.70
CA GLU A 155 6.59 -5.89 -2.16
C GLU A 155 7.63 -6.40 -1.12
N ASP A 156 8.39 -5.54 -0.48
CA ASP A 156 9.34 -5.90 0.44
C ASP A 156 8.70 -6.60 1.72
N GLU A 157 7.50 -6.21 2.10
CA GLU A 157 6.89 -6.74 3.22
C GLU A 157 6.43 -8.16 3.05
N ILE A 158 5.92 -8.40 1.85
CA ILE A 158 5.38 -9.67 1.45
C ILE A 158 6.53 -10.66 1.29
N ALA A 159 7.65 -10.15 0.73
CA ALA A 159 8.86 -10.98 0.58
C ALA A 159 9.30 -11.47 1.93
N LEU A 160 9.43 -10.60 2.88
CA LEU A 160 9.90 -11.01 4.22
C LEU A 160 8.89 -11.88 4.94
N TYR A 161 7.61 -11.67 4.62
CA TYR A 161 6.55 -12.38 5.26
C TYR A 161 6.54 -13.77 4.80
N THR A 162 6.62 -13.92 3.48
CA THR A 162 6.56 -15.24 2.85
C THR A 162 7.82 -16.01 3.27
N ALA A 163 8.91 -15.32 3.48
CA ALA A 163 10.11 -16.05 3.92
C ALA A 163 9.90 -16.68 5.32
N LEU A 164 9.21 -15.99 6.21
CA LEU A 164 8.92 -16.58 7.54
C LEU A 164 7.91 -17.69 7.45
N VAL A 165 7.03 -17.60 6.46
CA VAL A 165 6.03 -18.66 6.25
C VAL A 165 6.71 -19.94 5.90
N LEU A 166 7.80 -19.76 5.18
CA LEU A 166 8.53 -20.89 4.71
C LEU A 166 9.56 -21.42 5.69
N ILE A 167 10.24 -20.52 6.41
CA ILE A 167 11.26 -20.90 7.45
C ILE A 167 10.63 -20.95 8.84
N ASN A 168 9.96 -22.04 9.15
CA ASN A 168 9.42 -22.26 10.52
C ASN A 168 10.05 -23.50 11.13
N ALA A 169 10.89 -23.32 12.14
CA ALA A 169 11.56 -24.43 12.89
C ALA A 169 10.62 -25.37 13.59
N HIS A 170 9.38 -24.93 13.82
CA HIS A 170 8.36 -25.83 14.40
C HIS A 170 7.71 -26.82 13.40
N ARG A 171 8.29 -27.07 12.22
CA ARG A 171 7.70 -28.06 11.30
C ARG A 171 8.03 -29.45 11.72
N PRO A 172 7.00 -30.28 11.99
CA PRO A 172 7.23 -31.70 12.20
C PRO A 172 8.26 -32.29 11.21
N GLY A 173 9.34 -32.85 11.72
CA GLY A 173 10.22 -33.69 10.89
C GLY A 173 11.57 -33.15 10.43
N LEU A 174 12.02 -32.04 11.02
CA LEU A 174 13.37 -31.50 10.77
C LEU A 174 14.47 -32.26 11.54
N GLN A 175 15.60 -32.41 10.85
CA GLN A 175 16.78 -32.98 11.39
C GLN A 175 17.62 -31.93 12.16
N GLU A 176 18.03 -30.88 11.45
CA GLU A 176 18.85 -29.78 12.00
C GLU A 176 18.00 -28.59 12.52
N LYS A 177 17.08 -28.90 13.42
CA LYS A 177 16.15 -27.91 13.98
C LYS A 177 16.83 -26.65 14.59
N ARG A 178 18.08 -26.77 15.00
CA ARG A 178 18.85 -25.64 15.45
C ARG A 178 19.17 -24.75 14.28
N LYS A 179 19.62 -25.31 13.16
CA LYS A 179 20.00 -24.48 11.96
C LYS A 179 18.87 -23.65 11.33
N VAL A 180 17.61 -24.01 11.59
CA VAL A 180 16.43 -23.37 11.00
C VAL A 180 15.93 -22.29 11.95
N GLU A 181 15.92 -22.63 13.23
CA GLU A 181 15.64 -21.65 14.27
C GLU A 181 16.50 -20.38 14.06
N GLN A 182 17.78 -20.59 13.80
CA GLN A 182 18.71 -19.50 13.58
C GLN A 182 18.32 -18.66 12.31
N LEU A 183 17.96 -19.31 11.23
CA LEU A 183 17.56 -18.60 10.06
C LEU A 183 16.23 -17.94 10.37
N GLN A 184 15.36 -18.62 11.07
CA GLN A 184 14.04 -18.09 11.35
C GLN A 184 14.20 -16.88 12.20
N TYR A 185 15.13 -16.98 13.13
CA TYR A 185 15.40 -15.90 14.01
C TYR A 185 16.04 -14.70 13.34
N ASN A 186 17.00 -14.91 12.46
CA ASN A 186 17.48 -13.77 11.58
C ASN A 186 16.38 -13.03 10.84
N LEU A 187 15.46 -13.78 10.26
CA LEU A 187 14.38 -13.21 9.46
C LEU A 187 13.40 -12.41 10.33
N GLU A 188 13.09 -12.95 11.54
CA GLU A 188 12.18 -12.34 12.46
C GLU A 188 12.67 -10.91 12.73
N LEU A 189 13.97 -10.79 13.08
CA LEU A 189 14.61 -9.54 13.42
C LEU A 189 14.69 -8.66 12.24
N ALA A 190 14.99 -9.25 11.09
CA ALA A 190 14.97 -8.46 9.88
C ALA A 190 13.57 -7.90 9.76
N PHE A 191 12.58 -8.76 9.82
CA PHE A 191 11.21 -8.32 9.55
C PHE A 191 10.77 -7.28 10.62
N HIS A 192 10.95 -7.59 11.88
CA HIS A 192 10.38 -6.71 12.89
C HIS A 192 11.04 -5.39 12.87
N HIS A 193 12.36 -5.42 12.78
CA HIS A 193 13.10 -4.16 12.63
C HIS A 193 12.71 -3.37 11.33
N HIS A 194 12.47 -4.04 10.18
CA HIS A 194 12.13 -3.29 8.92
C HIS A 194 10.74 -2.65 9.16
N LEU A 195 9.86 -3.42 9.76
CA LEU A 195 8.54 -2.84 10.09
C LEU A 195 8.63 -1.56 11.00
N CYS A 196 9.28 -1.70 12.17
CA CYS A 196 9.53 -0.59 13.08
C CYS A 196 10.29 0.58 12.49
N LYS A 197 11.33 0.34 11.76
CA LYS A 197 11.96 1.46 11.12
C LYS A 197 10.98 2.30 10.29
N THR A 198 9.99 1.70 9.63
CA THR A 198 9.10 2.40 8.69
C THR A 198 7.73 2.59 9.24
N HIS A 199 7.56 2.20 10.51
CA HIS A 199 6.36 2.47 11.27
C HIS A 199 5.17 1.65 10.86
N ARG A 200 5.46 0.55 10.20
CA ARG A 200 4.47 -0.41 9.74
C ARG A 200 4.26 -1.52 10.80
N GLN A 201 4.94 -1.47 11.93
CA GLN A 201 4.69 -2.45 13.11
C GLN A 201 3.26 -2.97 13.28
N SER A 202 2.29 -2.06 13.20
CA SER A 202 0.83 -2.29 13.34
C SER A 202 0.26 -3.43 12.49
N ILE A 203 0.87 -3.73 11.34
CA ILE A 203 0.38 -4.86 10.55
C ILE A 203 0.61 -6.26 11.17
N LEU A 204 1.52 -6.37 12.13
CA LEU A 204 1.73 -7.66 12.79
C LEU A 204 0.46 -8.20 13.45
N ALA A 205 -0.34 -7.33 14.05
CA ALA A 205 -1.59 -7.74 14.72
C ALA A 205 -2.60 -8.30 13.74
N LYS A 206 -2.64 -7.73 12.53
CA LYS A 206 -3.60 -8.11 11.50
C LYS A 206 -3.11 -9.28 10.63
N LEU A 207 -1.99 -9.94 10.98
CA LEU A 207 -1.50 -11.10 10.18
C LEU A 207 -2.35 -12.31 10.45
N PRO A 208 -2.59 -13.17 9.46
CA PRO A 208 -3.45 -14.33 9.75
C PRO A 208 -2.90 -15.25 10.83
N PRO A 209 -3.76 -15.85 11.64
CA PRO A 209 -3.16 -16.76 12.67
C PRO A 209 -2.64 -17.99 11.94
N LYS A 210 -1.60 -18.65 12.47
CA LYS A 210 -0.87 -19.65 11.65
C LYS A 210 -1.81 -20.84 11.24
N GLY A 211 -2.62 -21.34 12.17
CA GLY A 211 -3.64 -22.35 11.86
C GLY A 211 -4.45 -22.03 10.63
N LYS A 212 -4.83 -20.77 10.47
CA LYS A 212 -5.65 -20.32 9.33
C LYS A 212 -5.05 -20.68 7.97
N LEU A 213 -3.76 -20.38 7.81
CA LEU A 213 -3.01 -20.78 6.63
C LEU A 213 -3.06 -22.27 6.43
N ARG A 214 -2.68 -23.04 7.50
CA ARG A 214 -2.57 -24.49 7.36
C ARG A 214 -3.92 -25.08 7.06
N SER A 215 -4.93 -24.61 7.77
CA SER A 215 -6.35 -24.91 7.54
C SER A 215 -6.66 -24.80 6.04
N LEU A 216 -6.44 -23.61 5.51
CA LEU A 216 -6.72 -23.29 4.16
C LEU A 216 -5.99 -24.16 3.14
N CYS A 217 -4.74 -24.52 3.44
CA CYS A 217 -3.92 -25.41 2.60
C CYS A 217 -4.03 -26.93 2.98
N SER A 218 -5.22 -27.36 3.33
CA SER A 218 -5.47 -28.71 3.80
C SER A 218 -5.77 -29.78 2.77
N GLN A 219 -6.42 -30.85 3.17
CA GLN A 219 -6.69 -31.96 2.23
C GLN A 219 -7.16 -31.80 0.78
N HIS A 220 -7.87 -30.72 0.48
CA HIS A 220 -8.37 -30.53 -0.82
C HIS A 220 -7.26 -30.33 -1.85
N VAL A 221 -6.06 -30.14 -1.35
CA VAL A 221 -4.94 -29.92 -2.20
C VAL A 221 -3.73 -30.84 -1.99
N GLU A 222 -3.95 -31.92 -1.27
CA GLU A 222 -3.00 -32.98 -1.23
C GLU A 222 -3.54 -34.01 -2.19
N ARG A 223 -2.69 -34.93 -2.60
CA ARG A 223 -3.08 -36.04 -3.48
C ARG A 223 -3.52 -35.60 -4.89
N LEU A 224 -2.92 -34.57 -5.42
CA LEU A 224 -3.32 -34.12 -6.76
C LEU A 224 -2.62 -34.81 -7.95
N GLN A 225 -1.79 -35.81 -7.69
CA GLN A 225 -1.15 -36.57 -8.78
C GLN A 225 -2.13 -37.20 -9.71
N ILE A 226 -3.33 -37.55 -9.21
CA ILE A 226 -4.40 -37.98 -10.13
C ILE A 226 -4.62 -37.01 -11.28
N PHE A 227 -4.35 -35.74 -11.09
CA PHE A 227 -4.72 -34.79 -12.10
C PHE A 227 -3.61 -34.59 -13.11
N GLN A 228 -2.39 -35.04 -12.75
CA GLN A 228 -1.21 -34.95 -13.64
C GLN A 228 -1.30 -35.93 -14.76
N THR B 9 -25.68 3.27 -4.86
CA THR B 9 -25.04 3.31 -6.17
C THR B 9 -24.49 4.68 -6.42
N GLU B 10 -25.19 5.68 -5.93
CA GLU B 10 -24.67 7.07 -5.99
C GLU B 10 -23.41 7.21 -5.09
N ILE B 11 -23.46 6.60 -3.90
CA ILE B 11 -22.33 6.58 -2.98
C ILE B 11 -21.12 5.91 -3.64
N GLU B 12 -21.28 4.78 -4.29
CA GLU B 12 -20.19 4.30 -5.16
C GLU B 12 -19.83 5.26 -6.30
N HIS B 13 -20.79 6.05 -6.83
CA HIS B 13 -20.49 7.02 -7.93
C HIS B 13 -19.63 8.17 -7.41
N LEU B 14 -19.92 8.59 -6.18
CA LEU B 14 -19.20 9.71 -5.58
C LEU B 14 -17.77 9.26 -5.46
N VAL B 15 -17.61 8.10 -4.83
CA VAL B 15 -16.31 7.52 -4.65
C VAL B 15 -15.52 7.56 -5.95
N GLN B 16 -16.11 7.09 -7.03
CA GLN B 16 -15.38 7.07 -8.35
C GLN B 16 -15.00 8.46 -8.80
N SER B 17 -15.90 9.40 -8.66
CA SER B 17 -15.64 10.80 -9.09
C SER B 17 -14.49 11.48 -8.27
N VAL B 18 -14.49 11.29 -6.93
CA VAL B 18 -13.47 11.94 -6.07
C VAL B 18 -12.09 11.44 -6.51
N CYS B 19 -12.02 10.15 -6.82
CA CYS B 19 -10.78 9.53 -7.20
C CYS B 19 -10.25 10.02 -8.53
N LYS B 20 -11.12 10.20 -9.52
CA LYS B 20 -10.68 10.85 -10.81
C LYS B 20 -10.16 12.24 -10.56
N SER B 21 -10.93 12.99 -9.78
CA SER B 21 -10.60 14.38 -9.54
C SER B 21 -9.21 14.49 -8.93
N TYR B 22 -8.96 13.74 -7.89
CA TYR B 22 -7.61 13.60 -7.40
C TYR B 22 -6.52 13.19 -8.41
N ARG B 23 -6.71 12.08 -9.10
CA ARG B 23 -5.74 11.58 -10.11
C ARG B 23 -5.41 12.60 -11.26
N GLU B 24 -6.40 13.36 -11.63
CA GLU B 24 -6.22 14.44 -12.54
C GLU B 24 -5.41 15.63 -11.97
N THR B 25 -5.34 15.73 -10.65
CA THR B 25 -4.86 16.97 -10.03
C THR B 25 -3.73 16.76 -9.09
N CYS B 26 -3.15 15.58 -9.12
CA CYS B 26 -2.09 15.28 -8.18
C CYS B 26 -0.70 15.84 -8.37
N GLN B 27 -0.48 16.64 -9.39
CA GLN B 27 0.80 17.28 -9.56
C GLN B 27 2.10 16.52 -9.51
N LEU B 28 2.04 15.23 -9.34
CA LEU B 28 3.24 14.43 -9.27
C LEU B 28 2.80 13.02 -9.45
N ARG B 29 2.99 12.50 -10.63
CA ARG B 29 2.57 11.15 -10.87
C ARG B 29 3.36 10.27 -9.85
N LEU B 30 2.66 9.37 -9.16
CA LEU B 30 3.26 8.46 -8.15
C LEU B 30 4.29 7.50 -8.71
N GLU B 31 4.03 6.99 -9.92
CA GLU B 31 5.01 6.20 -10.70
C GLU B 31 6.34 6.94 -10.90
N ASP B 32 6.28 8.27 -11.09
CA ASP B 32 7.47 9.09 -11.18
C ASP B 32 8.15 9.31 -9.83
N LEU B 33 7.41 9.46 -8.73
CA LEU B 33 8.05 9.62 -7.39
C LEU B 33 8.76 8.38 -6.99
N LEU B 34 8.24 7.23 -7.36
CA LEU B 34 8.86 5.98 -6.96
C LEU B 34 10.10 5.70 -7.81
N ARG B 35 9.93 5.82 -9.13
CA ARG B 35 11.05 5.77 -10.10
C ARG B 35 12.34 6.53 -9.64
N GLN B 36 12.19 7.76 -9.17
CA GLN B 36 13.30 8.55 -8.59
C GLN B 36 13.75 8.25 -7.11
N ARG B 37 13.23 7.27 -6.41
CA ARG B 37 13.66 7.17 -4.98
C ARG B 37 15.17 6.90 -4.82
N SER B 38 15.79 6.26 -5.79
CA SER B 38 17.23 5.93 -5.74
C SER B 38 18.13 7.04 -6.32
N ASN B 39 17.50 8.11 -6.71
CA ASN B 39 18.18 9.28 -7.14
C ASN B 39 18.36 10.31 -6.03
N ILE B 40 19.31 10.06 -5.14
CA ILE B 40 19.51 10.87 -3.90
C ILE B 40 20.44 12.05 -4.14
N PHE B 41 20.39 13.04 -3.23
CA PHE B 41 21.23 14.25 -3.30
C PHE B 41 22.65 13.99 -2.91
N SER B 42 23.59 14.49 -3.72
CA SER B 42 25.02 14.34 -3.43
C SER B 42 25.30 15.16 -2.16
N ARG B 43 26.16 14.61 -1.28
CA ARG B 43 26.39 15.19 0.07
C ARG B 43 26.89 16.61 -0.01
N GLU B 44 27.63 16.90 -1.07
CA GLU B 44 28.04 18.22 -1.37
C GLU B 44 26.78 19.04 -1.68
N GLU B 45 25.81 18.47 -2.40
CA GLU B 45 24.62 19.25 -2.80
C GLU B 45 23.83 19.69 -1.58
N VAL B 46 23.81 18.85 -0.60
CA VAL B 46 23.14 19.14 0.61
C VAL B 46 23.85 20.20 1.46
N THR B 47 25.19 20.21 1.49
CA THR B 47 25.94 21.35 2.05
C THR B 47 25.62 22.66 1.25
N GLY B 48 25.42 22.56 -0.07
CA GLY B 48 25.13 23.70 -0.93
C GLY B 48 23.75 24.32 -0.75
N TYR B 49 22.82 23.49 -0.33
CA TYR B 49 21.50 23.95 0.10
C TYR B 49 21.61 24.37 1.59
N GLN B 50 22.57 23.84 2.30
CA GLN B 50 22.78 24.33 3.64
C GLN B 50 23.49 25.72 3.71
N ARG B 51 24.18 26.12 2.64
CA ARG B 51 24.96 27.36 2.68
C ARG B 51 24.19 28.52 2.05
N LYS B 52 22.86 28.44 2.02
CA LYS B 52 22.04 29.47 1.41
C LYS B 52 21.46 30.32 2.50
N SER B 53 21.20 31.56 2.15
CA SER B 53 20.53 32.51 3.01
C SER B 53 19.23 31.95 3.48
N MET B 54 18.94 32.03 4.77
CA MET B 54 17.59 31.84 5.27
C MET B 54 16.55 32.46 4.31
N TRP B 55 16.80 33.66 3.87
CA TRP B 55 15.88 34.32 2.99
C TRP B 55 15.72 33.60 1.63
N GLU B 56 16.81 33.25 0.96
CA GLU B 56 16.78 32.60 -0.39
C GLU B 56 16.11 31.21 -0.34
N MET B 57 16.25 30.55 0.79
CA MET B 57 15.68 29.26 1.00
C MET B 57 14.16 29.30 1.22
N TRP B 58 13.61 30.33 1.85
CA TRP B 58 12.15 30.43 2.05
C TRP B 58 11.54 30.84 0.71
N GLU B 59 12.14 31.83 0.10
CA GLU B 59 11.75 32.21 -1.29
C GLU B 59 11.45 30.95 -2.10
N ARG B 60 12.38 30.02 -2.11
CA ARG B 60 12.26 28.76 -2.87
C ARG B 60 11.06 27.96 -2.41
N CYS B 61 11.12 27.55 -1.15
CA CYS B 61 10.04 26.82 -0.54
C CYS B 61 8.68 27.47 -0.61
N ALA B 62 8.65 28.76 -0.37
CA ALA B 62 7.42 29.48 -0.57
C ALA B 62 6.95 29.37 -2.04
N HIS B 63 7.84 29.39 -2.99
CA HIS B 63 7.35 29.28 -4.32
C HIS B 63 6.81 27.88 -4.56
N HIS B 64 7.39 26.86 -3.94
CA HIS B 64 6.96 25.49 -4.19
C HIS B 64 5.60 25.30 -3.58
N LEU B 65 5.45 25.82 -2.33
CA LEU B 65 4.18 25.79 -1.62
C LEU B 65 3.03 26.45 -2.38
N THR B 66 3.24 27.67 -2.89
CA THR B 66 2.27 28.31 -3.77
C THR B 66 1.85 27.39 -4.91
N GLU B 67 2.82 26.73 -5.53
CA GLU B 67 2.57 25.89 -6.76
C GLU B 67 1.75 24.70 -6.38
N ALA B 68 2.10 24.07 -5.27
CA ALA B 68 1.36 22.90 -4.79
C ALA B 68 -0.04 23.29 -4.42
N ILE B 69 -0.19 24.47 -3.88
CA ILE B 69 -1.54 24.96 -3.48
C ILE B 69 -2.44 25.08 -4.75
N GLN B 70 -1.89 25.62 -5.86
CA GLN B 70 -2.71 25.72 -7.16
C GLN B 70 -3.21 24.40 -7.69
N TYR B 71 -2.45 23.32 -7.44
CA TYR B 71 -2.99 22.03 -7.79
C TYR B 71 -4.18 21.69 -6.87
N VAL B 72 -4.15 22.11 -5.55
CA VAL B 72 -5.28 21.79 -4.67
C VAL B 72 -6.47 22.65 -5.04
N VAL B 73 -6.25 23.84 -5.55
CA VAL B 73 -7.40 24.61 -6.02
C VAL B 73 -8.09 23.87 -7.14
N GLU B 74 -7.29 23.33 -8.09
CA GLU B 74 -7.82 22.50 -9.17
C GLU B 74 -8.55 21.28 -8.75
N PHE B 75 -7.91 20.54 -7.85
CA PHE B 75 -8.58 19.43 -7.09
C PHE B 75 -9.91 19.88 -6.56
N ALA B 76 -9.92 20.98 -5.92
CA ALA B 76 -11.20 21.46 -5.37
C ALA B 76 -12.21 21.80 -6.49
N LYS B 77 -11.70 22.51 -7.51
CA LYS B 77 -12.57 22.87 -8.65
C LYS B 77 -13.28 21.70 -9.28
N ARG B 78 -12.63 20.60 -9.43
CA ARG B 78 -13.26 19.38 -9.98
C ARG B 78 -13.94 18.45 -9.02
N LEU B 79 -13.98 18.82 -7.74
CA LEU B 79 -14.54 17.95 -6.75
C LEU B 79 -16.02 18.18 -6.78
N SER B 80 -16.74 17.10 -6.94
CA SER B 80 -18.16 17.16 -7.08
C SER B 80 -18.80 17.92 -5.91
N GLY B 81 -19.61 18.91 -6.33
CA GLY B 81 -20.34 19.81 -5.47
C GLY B 81 -19.56 21.05 -5.03
N PHE B 82 -18.22 21.06 -5.06
CA PHE B 82 -17.45 22.16 -4.44
C PHE B 82 -17.82 23.49 -5.13
N MET B 83 -17.90 23.43 -6.50
CA MET B 83 -18.25 24.58 -7.32
C MET B 83 -19.73 24.98 -7.29
N GLU B 84 -20.59 24.26 -6.59
CA GLU B 84 -22.00 24.61 -6.38
C GLU B 84 -22.12 25.33 -5.01
N LEU B 85 -21.06 25.32 -4.22
CA LEU B 85 -20.99 26.11 -3.02
C LEU B 85 -20.89 27.55 -3.39
N CYS B 86 -21.26 28.46 -2.49
CA CYS B 86 -21.14 29.87 -2.82
C CYS B 86 -19.67 30.20 -2.73
N GLN B 87 -19.35 31.31 -3.33
CA GLN B 87 -17.98 31.74 -3.53
C GLN B 87 -17.21 32.05 -2.28
N ASN B 88 -17.89 32.72 -1.36
CA ASN B 88 -17.39 32.88 0.01
C ASN B 88 -16.91 31.60 0.57
N ASP B 89 -17.79 30.62 0.60
CA ASP B 89 -17.49 29.34 1.23
C ASP B 89 -16.38 28.59 0.49
N GLN B 90 -16.28 28.80 -0.82
CA GLN B 90 -15.17 28.20 -1.60
C GLN B 90 -13.83 28.74 -1.17
N ILE B 91 -13.80 30.06 -0.98
CA ILE B 91 -12.61 30.76 -0.45
C ILE B 91 -12.28 30.33 0.97
N VAL B 92 -13.28 30.35 1.87
CA VAL B 92 -13.02 29.98 3.25
C VAL B 92 -12.45 28.58 3.37
N LEU B 93 -13.05 27.59 2.68
CA LEU B 93 -12.50 26.20 2.75
C LEU B 93 -11.07 26.10 2.17
N LEU B 94 -10.78 26.71 1.03
CA LEU B 94 -9.42 26.57 0.52
C LEU B 94 -8.39 27.19 1.41
N LYS B 95 -8.65 28.40 1.91
CA LYS B 95 -7.70 29.08 2.77
C LYS B 95 -7.46 28.30 4.07
N ALA B 96 -8.47 27.73 4.64
CA ALA B 96 -8.22 26.92 5.82
C ALA B 96 -7.63 25.58 5.46
N GLY B 97 -8.02 25.00 4.33
CA GLY B 97 -7.69 23.60 4.03
C GLY B 97 -6.54 23.36 3.03
N ALA B 98 -6.16 24.29 2.13
CA ALA B 98 -5.30 23.85 0.96
C ALA B 98 -3.93 23.42 1.41
N MET B 99 -3.40 24.24 2.27
CA MET B 99 -2.07 23.96 2.81
C MET B 99 -2.05 22.61 3.60
N GLU B 100 -3.15 22.28 4.24
CA GLU B 100 -3.34 20.99 4.87
C GLU B 100 -3.46 19.85 3.90
N VAL B 101 -4.08 20.09 2.77
CA VAL B 101 -4.17 19.06 1.73
C VAL B 101 -2.78 18.80 1.20
N VAL B 102 -2.02 19.89 1.07
CA VAL B 102 -0.66 19.78 0.56
C VAL B 102 0.20 18.96 1.49
N LEU B 103 0.00 19.17 2.78
CA LEU B 103 0.75 18.38 3.74
C LEU B 103 0.50 16.90 3.57
N VAL B 104 -0.76 16.52 3.45
CA VAL B 104 -1.14 15.13 3.25
C VAL B 104 -0.54 14.61 1.93
N ARG B 105 -0.74 15.33 0.83
CA ARG B 105 -0.20 14.90 -0.42
C ARG B 105 1.31 14.66 -0.36
N MET B 106 2.04 15.40 0.52
CA MET B 106 3.53 15.13 0.71
C MET B 106 3.92 13.66 1.06
N CYS B 107 3.05 12.93 1.73
CA CYS B 107 3.47 11.61 2.17
C CYS B 107 3.81 10.72 1.00
N ARG B 108 3.32 11.05 -0.17
CA ARG B 108 3.58 10.26 -1.34
C ARG B 108 4.95 10.50 -1.89
N ALA B 109 5.43 11.73 -1.69
CA ALA B 109 6.73 12.18 -2.10
C ALA B 109 7.78 11.92 -1.00
N TYR B 110 7.42 11.10 -0.02
CA TYR B 110 8.30 10.77 1.07
C TYR B 110 8.62 9.31 1.02
N ASN B 111 9.86 8.94 1.26
CA ASN B 111 10.26 7.55 1.34
C ASN B 111 10.62 7.08 2.77
N ALA B 112 9.78 6.24 3.35
CA ALA B 112 9.95 5.81 4.76
C ALA B 112 11.16 4.95 4.99
N ASP B 113 11.71 4.37 3.91
CA ASP B 113 12.89 3.53 3.98
C ASP B 113 14.16 4.19 4.52
N ASN B 114 14.41 5.41 4.03
CA ASN B 114 15.63 6.11 4.23
C ASN B 114 15.34 7.51 4.60
N ARG B 115 14.10 7.78 5.03
CA ARG B 115 13.62 9.12 5.42
C ARG B 115 14.05 10.28 4.55
N THR B 116 13.88 10.14 3.25
CA THR B 116 14.10 11.20 2.37
C THR B 116 12.74 11.68 1.88
N VAL B 117 12.77 12.87 1.31
CA VAL B 117 11.65 13.44 0.61
C VAL B 117 12.12 13.94 -0.75
N PHE B 118 11.18 14.09 -1.67
CA PHE B 118 11.48 14.56 -3.02
C PHE B 118 11.41 16.06 -3.08
N PHE B 119 12.51 16.68 -3.43
CA PHE B 119 12.54 18.12 -3.45
C PHE B 119 13.44 18.61 -4.58
N GLU B 120 12.84 19.36 -5.51
CA GLU B 120 13.54 19.95 -6.65
C GLU B 120 14.39 18.92 -7.29
N GLY B 121 13.73 17.86 -7.75
CA GLY B 121 14.30 16.92 -8.67
C GLY B 121 15.09 15.76 -8.09
N LYS B 122 15.25 15.71 -6.79
CA LYS B 122 15.91 14.57 -6.16
C LYS B 122 15.48 14.37 -4.66
N TYR B 123 15.86 13.22 -4.11
CA TYR B 123 15.55 12.85 -2.75
C TYR B 123 16.63 13.30 -1.80
N GLY B 124 16.21 13.80 -0.64
CA GLY B 124 17.12 14.33 0.38
C GLY B 124 16.54 14.14 1.78
N GLY B 125 17.40 14.12 2.79
CA GLY B 125 16.97 14.02 4.20
C GLY B 125 16.65 15.38 4.74
N MET B 126 16.27 15.41 6.01
CA MET B 126 15.93 16.68 6.66
C MET B 126 17.12 17.64 6.89
N GLU B 127 18.33 17.12 6.87
CA GLU B 127 19.48 17.97 7.05
C GLU B 127 19.44 19.07 6.00
N LEU B 128 18.96 18.71 4.83
CA LEU B 128 18.81 19.63 3.73
C LEU B 128 18.09 20.96 3.98
N PHE B 129 17.22 21.00 4.99
CA PHE B 129 16.42 22.21 5.20
C PHE B 129 16.93 23.14 6.33
N ARG B 130 18.16 22.88 6.74
CA ARG B 130 18.87 23.69 7.71
C ARG B 130 18.75 25.20 7.58
N ALA B 131 18.99 25.73 6.39
CA ALA B 131 18.93 27.19 6.15
C ALA B 131 17.60 27.84 6.63
N LEU B 132 16.47 27.15 6.46
CA LEU B 132 15.16 27.67 6.87
C LEU B 132 15.14 28.01 8.32
N GLY B 133 16.09 27.44 9.04
CA GLY B 133 16.31 27.77 10.42
C GLY B 133 15.12 27.49 11.31
N CYS B 134 14.47 26.33 11.17
CA CYS B 134 13.42 25.98 12.13
C CYS B 134 13.27 24.49 12.23
N SER B 135 14.38 23.83 12.55
CA SER B 135 14.50 22.39 12.38
C SER B 135 13.48 21.64 13.25
N GLU B 136 13.05 22.19 14.42
CA GLU B 136 11.97 21.60 15.21
C GLU B 136 10.69 21.32 14.42
N LEU B 137 10.24 22.36 13.71
CA LEU B 137 9.18 22.29 12.68
C LEU B 137 9.47 21.30 11.51
N ILE B 138 10.65 21.38 10.92
CA ILE B 138 11.03 20.43 9.90
C ILE B 138 10.91 19.01 10.41
N SER B 139 11.65 18.72 11.46
CA SER B 139 11.54 17.46 12.20
C SER B 139 10.10 16.93 12.36
N SER B 140 9.16 17.81 12.71
CA SER B 140 7.74 17.39 12.84
C SER B 140 7.05 17.09 11.53
N ILE B 141 7.41 17.83 10.46
CA ILE B 141 6.86 17.56 9.09
C ILE B 141 7.35 16.16 8.75
N PHE B 142 8.63 15.88 9.01
CA PHE B 142 9.19 14.51 8.79
C PHE B 142 8.46 13.41 9.56
N ASP B 143 8.18 13.64 10.86
CA ASP B 143 7.54 12.60 11.75
C ASP B 143 6.11 12.38 11.28
N PHE B 144 5.48 13.47 10.90
CA PHE B 144 4.12 13.42 10.34
C PHE B 144 3.97 12.63 9.01
N SER B 145 4.86 12.88 8.08
CA SER B 145 4.83 12.20 6.78
C SER B 145 5.20 10.74 6.94
N HIS B 146 6.09 10.47 7.92
CA HIS B 146 6.50 9.10 8.24
C HIS B 146 5.34 8.29 8.68
N SER B 147 4.56 8.84 9.65
CA SER B 147 3.38 8.11 10.17
C SER B 147 2.31 7.99 9.08
N LEU B 148 2.16 9.02 8.25
CA LEU B 148 1.17 8.95 7.14
C LEU B 148 1.58 7.92 6.13
N SER B 149 2.86 7.88 5.79
CA SER B 149 3.40 6.85 4.83
C SER B 149 3.03 5.51 5.27
N ALA B 150 3.06 5.29 6.62
CA ALA B 150 2.80 3.97 7.22
C ALA B 150 1.43 3.41 6.96
N LEU B 151 0.52 4.24 6.47
CA LEU B 151 -0.83 3.76 6.11
C LEU B 151 -0.89 3.06 4.80
N HIS B 152 0.20 3.21 4.00
CA HIS B 152 0.22 2.72 2.59
C HIS B 152 -1.13 3.06 1.93
N PHE B 153 -1.56 4.29 2.00
CA PHE B 153 -2.79 4.74 1.40
C PHE B 153 -2.85 4.37 -0.07
N SER B 154 -3.98 3.91 -0.56
CA SER B 154 -4.11 3.65 -1.97
C SER B 154 -4.37 5.07 -2.53
N GLU B 155 -4.47 5.25 -3.86
CA GLU B 155 -4.71 6.59 -4.39
C GLU B 155 -6.09 7.00 -4.06
N ASP B 156 -7.02 6.08 -4.14
CA ASP B 156 -8.36 6.38 -3.79
C ASP B 156 -8.59 6.81 -2.34
N GLU B 157 -7.84 6.21 -1.41
CA GLU B 157 -7.94 6.59 -0.05
C GLU B 157 -7.38 7.97 0.13
N ILE B 158 -6.25 8.26 -0.47
CA ILE B 158 -5.69 9.64 -0.42
C ILE B 158 -6.70 10.63 -0.88
N ALA B 159 -7.34 10.28 -2.00
CA ALA B 159 -8.28 11.19 -2.63
C ALA B 159 -9.43 11.40 -1.68
N LEU B 160 -9.95 10.31 -1.15
CA LEU B 160 -11.12 10.47 -0.18
C LEU B 160 -10.78 11.22 1.08
N TYR B 161 -9.58 11.05 1.56
CA TYR B 161 -9.16 11.74 2.80
C TYR B 161 -8.92 13.20 2.55
N THR B 162 -8.21 13.51 1.47
CA THR B 162 -7.94 14.95 1.18
C THR B 162 -9.19 15.73 0.88
N ALA B 163 -10.17 15.04 0.32
CA ALA B 163 -11.44 15.68 0.06
C ALA B 163 -12.03 16.08 1.42
N LEU B 164 -12.00 15.21 2.48
CA LEU B 164 -12.57 15.63 3.80
C LEU B 164 -11.65 16.57 4.54
N VAL B 165 -10.39 16.64 4.18
CA VAL B 165 -9.57 17.71 4.77
C VAL B 165 -10.12 19.05 4.28
N LEU B 166 -10.48 19.10 3.01
CA LEU B 166 -10.95 20.31 2.43
C LEU B 166 -12.37 20.62 2.80
N ILE B 167 -13.31 19.73 2.50
CA ILE B 167 -14.71 19.99 2.78
C ILE B 167 -15.01 19.72 4.30
N ASN B 168 -14.76 20.76 5.11
CA ASN B 168 -14.97 20.75 6.49
C ASN B 168 -15.93 21.85 6.97
N ALA B 169 -17.13 21.47 7.35
CA ALA B 169 -18.17 22.40 7.76
C ALA B 169 -18.01 23.03 9.15
N HIS B 170 -16.95 22.69 9.88
CA HIS B 170 -16.53 23.43 11.09
C HIS B 170 -15.74 24.71 10.81
N ARG B 171 -15.26 24.93 9.58
CA ARG B 171 -14.41 26.13 9.33
C ARG B 171 -15.17 27.41 9.69
N PRO B 172 -14.60 28.27 10.57
CA PRO B 172 -15.22 29.57 10.83
C PRO B 172 -15.44 30.40 9.49
N GLY B 173 -16.57 31.09 9.41
CA GLY B 173 -16.89 32.12 8.41
C GLY B 173 -17.68 31.66 7.18
N LEU B 174 -18.07 30.42 7.18
CA LEU B 174 -18.99 29.86 6.26
C LEU B 174 -20.38 30.45 6.44
N GLN B 175 -21.04 30.70 5.30
CA GLN B 175 -22.37 31.28 5.25
C GLN B 175 -23.46 30.27 4.90
N GLU B 176 -23.13 29.23 4.11
CA GLU B 176 -24.07 28.16 3.83
C GLU B 176 -23.66 26.87 4.54
N LYS B 177 -23.59 26.94 5.88
CA LYS B 177 -23.09 25.82 6.68
C LYS B 177 -23.85 24.50 6.34
N ARG B 178 -25.17 24.57 6.20
CA ARG B 178 -25.99 23.40 5.82
C ARG B 178 -25.44 22.68 4.57
N LYS B 179 -25.12 23.47 3.50
CA LYS B 179 -24.71 22.91 2.17
C LYS B 179 -23.35 22.21 2.25
N VAL B 180 -22.41 22.84 2.97
CA VAL B 180 -21.11 22.25 3.31
C VAL B 180 -21.26 20.98 4.15
N GLU B 181 -21.96 21.08 5.30
CA GLU B 181 -22.23 19.93 6.19
C GLU B 181 -22.79 18.81 5.30
N GLN B 182 -23.72 19.15 4.44
CA GLN B 182 -24.35 18.17 3.58
C GLN B 182 -23.32 17.48 2.66
N LEU B 183 -22.44 18.28 2.04
CA LEU B 183 -21.41 17.73 1.18
C LEU B 183 -20.42 16.86 1.92
N GLN B 184 -19.96 17.34 3.07
CA GLN B 184 -19.11 16.58 3.99
C GLN B 184 -19.62 15.21 4.37
N TYR B 185 -20.93 15.15 4.64
CA TYR B 185 -21.59 13.92 5.09
C TYR B 185 -21.55 12.91 3.99
N ASN B 186 -21.85 13.37 2.79
CA ASN B 186 -21.76 12.51 1.63
C ASN B 186 -20.36 12.00 1.39
N LEU B 187 -19.33 12.79 1.64
CA LEU B 187 -17.95 12.36 1.44
C LEU B 187 -17.60 11.35 2.50
N GLU B 188 -18.00 11.62 3.73
CA GLU B 188 -17.77 10.69 4.83
C GLU B 188 -18.38 9.34 4.50
N LEU B 189 -19.63 9.35 4.02
CA LEU B 189 -20.29 8.15 3.59
C LEU B 189 -19.50 7.34 2.60
N ALA B 190 -18.94 8.04 1.62
CA ALA B 190 -18.14 7.42 0.61
C ALA B 190 -16.89 6.83 1.16
N PHE B 191 -16.17 7.62 1.95
CA PHE B 191 -14.94 7.16 2.60
C PHE B 191 -15.22 5.91 3.42
N HIS B 192 -16.25 5.99 4.25
CA HIS B 192 -16.51 4.93 5.25
C HIS B 192 -17.02 3.68 4.51
N HIS B 193 -17.81 3.89 3.46
CA HIS B 193 -18.29 2.79 2.68
C HIS B 193 -17.09 2.03 2.17
N HIS B 194 -16.27 2.73 1.36
CA HIS B 194 -15.03 2.19 0.77
C HIS B 194 -14.02 1.58 1.73
N LEU B 195 -13.84 2.19 2.92
CA LEU B 195 -12.98 1.52 3.94
C LEU B 195 -13.62 0.22 4.33
N CYS B 196 -14.92 0.27 4.61
CA CYS B 196 -15.66 -0.93 5.09
C CYS B 196 -15.63 -2.05 4.11
N LYS B 197 -15.83 -1.72 2.88
CA LYS B 197 -15.83 -2.69 1.83
C LYS B 197 -14.44 -3.35 1.69
N THR B 198 -13.35 -2.58 1.81
CA THR B 198 -12.00 -3.13 1.64
C THR B 198 -11.37 -3.65 2.91
N HIS B 199 -12.16 -3.66 4.00
CA HIS B 199 -11.68 -3.91 5.42
C HIS B 199 -10.53 -3.08 5.85
N ARG B 200 -10.51 -1.82 5.45
CA ARG B 200 -9.52 -0.88 5.86
C ARG B 200 -10.06 0.18 6.88
N GLN B 201 -11.13 -0.10 7.57
CA GLN B 201 -11.71 0.84 8.56
C GLN B 201 -10.73 1.05 9.76
N SER B 202 -9.89 0.07 10.05
CA SER B 202 -8.86 0.29 11.07
C SER B 202 -7.93 1.46 10.78
N ILE B 203 -7.76 1.89 9.52
CA ILE B 203 -6.87 3.04 9.31
C ILE B 203 -7.41 4.36 9.87
N LEU B 204 -8.74 4.46 10.01
CA LEU B 204 -9.39 5.62 10.67
C LEU B 204 -8.88 6.04 12.11
N ALA B 205 -8.57 5.04 12.93
CA ALA B 205 -7.95 5.27 14.26
C ALA B 205 -6.57 5.86 14.13
N LYS B 206 -5.85 5.50 13.05
CA LYS B 206 -4.47 5.91 12.82
C LYS B 206 -4.34 7.22 12.08
N LEU B 207 -5.43 7.73 11.52
CA LEU B 207 -5.40 9.07 10.92
C LEU B 207 -5.00 10.14 11.99
N PRO B 208 -4.61 11.32 11.55
CA PRO B 208 -4.30 12.39 12.46
C PRO B 208 -5.46 12.78 13.32
N PRO B 209 -5.16 13.58 14.33
CA PRO B 209 -6.08 14.45 15.05
C PRO B 209 -6.08 15.73 14.23
N LYS B 210 -7.30 16.22 13.96
CA LYS B 210 -7.52 17.41 13.16
C LYS B 210 -6.58 18.49 13.68
N GLY B 211 -6.42 18.50 15.00
CA GLY B 211 -5.52 19.42 15.64
C GLY B 211 -4.11 19.30 15.13
N LYS B 212 -3.64 18.08 14.91
CA LYS B 212 -2.27 17.87 14.45
C LYS B 212 -2.08 18.58 13.14
N LEU B 213 -3.06 18.45 12.24
CA LEU B 213 -2.91 19.09 10.95
C LEU B 213 -2.81 20.57 11.01
N ARG B 214 -3.65 21.16 11.82
CA ARG B 214 -3.61 22.62 12.02
C ARG B 214 -2.30 23.12 12.67
N SER B 215 -1.85 22.44 13.71
CA SER B 215 -0.67 22.90 14.40
C SER B 215 0.47 22.96 13.45
N LEU B 216 0.51 22.04 12.53
CA LEU B 216 1.60 21.96 11.60
C LEU B 216 1.55 23.07 10.49
N CYS B 217 0.33 23.37 10.01
CA CYS B 217 0.12 24.42 9.02
C CYS B 217 -0.27 25.69 9.79
N SER B 218 0.68 26.35 10.41
CA SER B 218 0.37 27.55 11.09
C SER B 218 1.35 28.66 10.82
N GLN B 219 1.47 29.60 11.74
CA GLN B 219 2.15 30.90 11.53
C GLN B 219 3.42 30.90 10.68
N HIS B 220 4.25 29.83 10.75
CA HIS B 220 5.43 29.81 9.90
C HIS B 220 5.11 29.85 8.34
N VAL B 221 3.90 29.48 7.93
CA VAL B 221 3.47 29.58 6.48
C VAL B 221 2.32 30.56 6.16
N GLU B 222 2.07 31.53 7.05
CA GLU B 222 1.25 32.69 6.74
C GLU B 222 2.13 33.91 6.48
N ARG B 223 1.55 34.92 5.80
CA ARG B 223 2.24 36.15 5.49
C ARG B 223 3.48 36.01 4.59
N LEU B 224 3.47 35.06 3.69
CA LEU B 224 4.63 34.85 2.84
C LEU B 224 4.69 35.78 1.59
N GLN B 225 3.89 36.85 1.57
CA GLN B 225 4.00 37.73 0.42
C GLN B 225 5.36 38.38 0.40
N ILE B 226 6.05 38.41 1.54
CA ILE B 226 7.43 38.92 1.62
C ILE B 226 8.42 38.16 0.77
N PHE B 227 8.14 36.92 0.48
CA PHE B 227 9.06 36.13 -0.29
C PHE B 227 8.73 36.10 -1.83
N GLN B 228 8.22 37.20 -2.37
CA GLN B 228 7.87 37.35 -3.78
C GLN B 228 8.45 38.64 -4.31
#